data_5JVB
#
_entry.id   5JVB
#
_cell.length_a   54.340
_cell.length_b   69.310
_cell.length_c   66.530
_cell.angle_alpha   90.00
_cell.angle_beta   93.07
_cell.angle_gamma   90.00
#
_symmetry.space_group_name_H-M   'P 1 21 1'
#
loop_
_entity.id
_entity.type
_entity.pdbx_description
1 polymer 'Phosphonate ABC transporter, periplasmic phosphonate-binding protein'
2 non-polymer PHOSPHONATE
3 water water
#
_entity_poly.entity_id   1
_entity_poly.type   'polypeptide(L)'
_entity_poly.pdbx_seq_one_letter_code
;MNIQKSENKANPQKLVVALLPDESAATVIQNNKGLEMYLENKLNKDIELFVSTDYSSMIEVASKGRLDLAYFGPLSYVLA
KTKSNIEPFAALEKDGKNTYQALVIGNAEAGINSYEKIEGKIMAYGDQASTSSHLIPKSMLKQKQLKAGENYEEVFVGAH
DAVAIAVANGKAQAGGLSKPIFTALIERGTIDKNKVIIIAESKPFPQYPWTMRSDLDSELKTQIQQAFLELEDKAILKPF
KADAFTLVTDQDYDVVRNLGEVLELNFEQLNKLEHHHHHH
;
_entity_poly.pdbx_strand_id   A,B
#
# COMPACT_ATOMS: atom_id res chain seq x y z
N ALA A 10 13.95 -15.41 23.98
CA ALA A 10 15.38 -14.99 23.77
C ALA A 10 16.30 -16.15 23.34
N ASN A 11 16.00 -17.36 23.80
CA ASN A 11 16.83 -18.54 23.48
C ASN A 11 15.97 -19.63 22.84
N PRO A 12 15.55 -19.41 21.57
CA PRO A 12 14.78 -20.43 20.88
C PRO A 12 15.56 -21.70 20.60
N GLN A 13 14.89 -22.83 20.76
CA GLN A 13 15.46 -24.16 20.49
C GLN A 13 15.55 -24.39 18.99
N LYS A 14 14.56 -23.84 18.26
CA LYS A 14 14.48 -23.89 16.79
C LYS A 14 14.43 -22.45 16.26
N LEU A 15 14.94 -22.23 15.06
CA LEU A 15 14.93 -20.91 14.44
C LEU A 15 14.02 -20.82 13.20
N VAL A 16 12.97 -19.98 13.28
CA VAL A 16 12.12 -19.66 12.13
C VAL A 16 12.86 -18.66 11.22
N VAL A 17 13.15 -19.07 9.98
CA VAL A 17 13.88 -18.26 9.03
C VAL A 17 13.05 -17.94 7.76
N ALA A 18 12.63 -16.68 7.59
CA ALA A 18 11.86 -16.27 6.39
C ALA A 18 12.76 -15.74 5.29
N LEU A 19 12.37 -16.04 4.06
CA LEU A 19 13.11 -15.66 2.85
C LEU A 19 12.18 -14.93 1.90
N LEU A 20 12.65 -13.81 1.37
CA LEU A 20 11.85 -12.99 0.48
C LEU A 20 11.38 -13.80 -0.72
N PRO A 21 10.09 -13.73 -1.09
CA PRO A 21 9.63 -14.37 -2.32
C PRO A 21 9.85 -13.50 -3.56
N ASP A 22 11.09 -13.17 -3.83
CA ASP A 22 11.43 -12.38 -5.02
C ASP A 22 11.35 -13.20 -6.30
N GLU A 23 11.37 -14.52 -6.14
CA GLU A 23 11.12 -15.47 -7.22
C GLU A 23 10.15 -16.54 -6.78
N SER A 24 9.92 -17.54 -7.63
CA SER A 24 9.14 -18.72 -7.23
C SER A 24 9.74 -19.40 -5.99
N ALA A 25 8.87 -19.98 -5.17
CA ALA A 25 9.24 -20.50 -3.86
C ALA A 25 10.29 -21.58 -3.93
N ALA A 26 10.15 -22.50 -4.87
CA ALA A 26 11.14 -23.57 -5.08
C ALA A 26 12.50 -23.05 -5.51
N THR A 27 12.54 -21.99 -6.32
CA THR A 27 13.83 -21.34 -6.65
C THR A 27 14.46 -20.76 -5.36
N VAL A 28 13.67 -20.05 -4.54
CA VAL A 28 14.19 -19.37 -3.36
C VAL A 28 14.68 -20.41 -2.34
N ILE A 29 13.84 -21.39 -2.06
CA ILE A 29 14.15 -22.47 -1.09
C ILE A 29 15.43 -23.19 -1.49
N GLN A 30 15.49 -23.66 -2.74
CA GLN A 30 16.65 -24.38 -3.29
C GLN A 30 17.97 -23.57 -3.28
N ASN A 31 17.89 -22.26 -3.49
CA ASN A 31 19.06 -21.38 -3.41
C ASN A 31 19.70 -21.29 -2.00
N ASN A 32 18.88 -21.40 -0.96
CA ASN A 32 19.31 -21.25 0.42
C ASN A 32 19.50 -22.56 1.19
N LYS A 33 19.27 -23.68 0.52
CA LYS A 33 19.38 -25.00 1.16
C LYS A 33 20.80 -25.21 1.71
N GLY A 34 21.81 -24.97 0.87
CA GLY A 34 23.20 -25.02 1.30
C GLY A 34 23.50 -24.17 2.53
N LEU A 35 22.98 -22.94 2.54
CA LEU A 35 23.15 -22.00 3.64
C LEU A 35 22.38 -22.43 4.87
N GLU A 36 21.23 -23.05 4.68
CA GLU A 36 20.47 -23.58 5.80
C GLU A 36 21.28 -24.64 6.58
N MET A 37 21.97 -25.51 5.85
CA MET A 37 22.71 -26.62 6.43
C MET A 37 23.93 -26.09 7.23
N TYR A 38 24.71 -25.22 6.61
CA TYR A 38 25.79 -24.52 7.27
C TYR A 38 25.34 -23.89 8.60
N LEU A 39 24.25 -23.13 8.59
CA LEU A 39 23.72 -22.50 9.82
C LEU A 39 23.20 -23.48 10.89
N GLU A 40 22.80 -24.68 10.45
CA GLU A 40 22.42 -25.74 11.41
C GLU A 40 23.70 -26.27 12.10
N ASN A 41 24.70 -26.64 11.31
CA ASN A 41 26.04 -27.02 11.83
C ASN A 41 26.74 -25.98 12.74
N LYS A 42 26.63 -24.68 12.43
CA LYS A 42 27.31 -23.62 13.21
C LYS A 42 26.56 -23.23 14.47
N LEU A 43 25.25 -23.03 14.36
CA LEU A 43 24.43 -22.65 15.53
C LEU A 43 23.92 -23.83 16.38
N ASN A 44 24.18 -25.07 15.94
CA ASN A 44 23.60 -26.27 16.53
C ASN A 44 22.12 -26.08 16.94
N LYS A 45 21.33 -25.64 15.96
CA LYS A 45 19.91 -25.45 16.13
C LYS A 45 19.21 -25.86 14.84
N ASP A 46 17.94 -26.24 14.95
CA ASP A 46 17.13 -26.55 13.76
C ASP A 46 16.46 -25.29 13.17
N ILE A 47 16.43 -25.26 11.84
CA ILE A 47 15.88 -24.16 11.07
C ILE A 47 14.73 -24.67 10.19
N GLU A 48 13.56 -24.04 10.30
CA GLU A 48 12.54 -24.13 9.26
C GLU A 48 12.42 -22.84 8.43
N LEU A 49 12.69 -23.00 7.13
CA LEU A 49 12.52 -21.94 6.15
C LEU A 49 11.03 -21.62 5.98
N PHE A 50 10.69 -20.33 5.91
CA PHE A 50 9.38 -19.89 5.50
C PHE A 50 9.55 -18.94 4.29
N VAL A 51 8.76 -19.19 3.25
CA VAL A 51 8.68 -18.30 2.10
C VAL A 51 7.24 -17.89 1.96
N SER A 52 6.98 -16.61 2.22
CA SER A 52 5.63 -16.04 2.15
C SER A 52 5.05 -16.01 0.72
N THR A 53 3.74 -15.80 0.64
CA THR A 53 3.00 -15.65 -0.61
C THR A 53 3.28 -14.33 -1.35
N ASP A 54 3.50 -13.24 -0.60
CA ASP A 54 3.96 -11.96 -1.17
C ASP A 54 4.79 -11.17 -0.12
N TYR A 55 5.33 -10.00 -0.50
CA TYR A 55 6.23 -9.25 0.38
C TYR A 55 5.46 -8.72 1.58
N SER A 56 4.20 -8.32 1.36
CA SER A 56 3.40 -7.75 2.45
C SER A 56 3.08 -8.78 3.55
N SER A 57 2.86 -10.02 3.16
CA SER A 57 2.55 -11.06 4.14
C SER A 57 3.80 -11.49 4.93
N MET A 58 4.98 -11.38 4.31
CA MET A 58 6.25 -11.45 5.06
C MET A 58 6.37 -10.35 6.10
N ILE A 59 6.04 -9.14 5.69
CA ILE A 59 6.13 -8.00 6.59
C ILE A 59 5.17 -8.21 7.77
N GLU A 60 3.97 -8.74 7.49
CA GLU A 60 2.97 -8.99 8.53
C GLU A 60 3.49 -10.02 9.54
N VAL A 61 3.94 -11.17 9.04
CA VAL A 61 4.48 -12.26 9.87
C VAL A 61 5.63 -11.79 10.77
N ALA A 62 6.48 -10.93 10.24
CA ALA A 62 7.56 -10.32 10.99
C ALA A 62 7.04 -9.39 12.08
N SER A 63 6.02 -8.61 11.76
CA SER A 63 5.42 -7.72 12.74
C SER A 63 4.68 -8.43 13.90
N LYS A 64 4.45 -9.75 13.80
CA LYS A 64 3.87 -10.53 14.92
C LYS A 64 4.92 -11.03 15.92
N GLY A 65 6.19 -10.73 15.68
CA GLY A 65 7.30 -11.29 16.45
C GLY A 65 7.47 -12.77 16.18
N ARG A 66 7.03 -13.22 15.00
CA ARG A 66 6.93 -14.65 14.69
C ARG A 66 8.17 -15.22 13.99
N LEU A 67 9.07 -14.36 13.53
CA LEU A 67 10.26 -14.79 12.83
C LEU A 67 11.47 -14.61 13.73
N ASP A 68 12.48 -15.47 13.59
CA ASP A 68 13.76 -15.32 14.29
C ASP A 68 14.82 -14.65 13.38
N LEU A 69 14.95 -15.13 12.13
CA LEU A 69 15.71 -14.45 11.07
C LEU A 69 14.78 -14.19 9.86
N ALA A 70 15.10 -13.17 9.08
CA ALA A 70 14.32 -12.83 7.89
C ALA A 70 15.27 -12.19 6.90
N TYR A 71 15.31 -12.74 5.68
CA TYR A 71 16.07 -12.19 4.57
C TYR A 71 15.14 -11.29 3.77
N PHE A 72 15.21 -10.00 4.02
CA PHE A 72 14.33 -9.02 3.43
C PHE A 72 15.01 -8.31 2.27
N GLY A 73 14.21 -7.71 1.39
CA GLY A 73 14.72 -6.73 0.43
C GLY A 73 14.89 -5.40 1.12
N PRO A 74 15.58 -4.47 0.47
CA PRO A 74 15.81 -3.20 1.18
C PRO A 74 14.55 -2.44 1.57
N LEU A 75 13.65 -2.22 0.62
CA LEU A 75 12.38 -1.53 0.91
C LEU A 75 11.52 -2.31 1.90
N SER A 76 11.43 -3.63 1.71
CA SER A 76 10.60 -4.46 2.61
C SER A 76 11.15 -4.42 4.03
N TYR A 77 12.46 -4.33 4.18
CA TYR A 77 13.10 -4.15 5.48
C TYR A 77 12.66 -2.84 6.10
N VAL A 78 12.78 -1.75 5.33
CA VAL A 78 12.33 -0.43 5.80
C VAL A 78 10.90 -0.50 6.32
N LEU A 79 10.00 -1.06 5.51
CA LEU A 79 8.58 -1.21 5.90
C LEU A 79 8.38 -2.11 7.14
N ALA A 80 9.01 -3.27 7.16
CA ALA A 80 8.93 -4.15 8.31
C ALA A 80 9.49 -3.49 9.58
N LYS A 81 10.55 -2.69 9.45
CA LYS A 81 11.20 -2.08 10.61
C LYS A 81 10.35 -1.00 11.32
N THR A 82 9.41 -0.40 10.60
CA THR A 82 8.48 0.55 11.19
C THR A 82 7.51 -0.10 12.19
N LYS A 83 7.34 -1.42 12.12
CA LYS A 83 6.39 -2.11 12.96
C LYS A 83 6.88 -3.45 13.49
N SER A 84 8.20 -3.66 13.52
CA SER A 84 8.76 -4.94 13.96
C SER A 84 10.05 -4.67 14.70
N ASN A 85 10.33 -5.50 15.72
CA ASN A 85 11.52 -5.34 16.51
C ASN A 85 12.57 -6.28 15.92
N ILE A 86 13.25 -5.78 14.88
CA ILE A 86 14.23 -6.57 14.11
C ILE A 86 15.43 -5.69 13.85
N GLU A 87 16.55 -6.33 13.51
CA GLU A 87 17.87 -5.69 13.39
C GLU A 87 18.59 -6.25 12.16
N PRO A 88 18.97 -5.39 11.18
CA PRO A 88 19.84 -5.83 10.08
C PRO A 88 21.24 -6.17 10.58
N PHE A 89 21.85 -7.22 10.05
CA PHE A 89 23.20 -7.58 10.49
C PHE A 89 24.15 -8.04 9.39
N ALA A 90 23.65 -8.45 8.23
CA ALA A 90 24.54 -8.92 7.17
C ALA A 90 23.95 -8.85 5.78
N ALA A 91 24.81 -8.75 4.77
CA ALA A 91 24.41 -8.65 3.39
C ALA A 91 25.51 -9.19 2.50
N LEU A 92 25.12 -9.69 1.34
CA LEU A 92 26.05 -10.34 0.40
C LEU A 92 27.05 -9.36 -0.13
N GLU A 93 28.26 -9.86 -0.37
CA GLU A 93 29.32 -9.08 -0.96
C GLU A 93 29.74 -9.81 -2.22
N LYS A 94 29.87 -9.07 -3.33
CA LYS A 94 30.46 -9.60 -4.57
C LYS A 94 31.54 -8.61 -5.06
N ASP A 95 32.71 -9.13 -5.42
CA ASP A 95 33.86 -8.33 -5.87
C ASP A 95 34.23 -7.21 -4.88
N GLY A 96 34.19 -7.53 -3.58
CA GLY A 96 34.34 -6.54 -2.53
C GLY A 96 33.39 -5.36 -2.64
N LYS A 97 32.16 -5.61 -3.10
CA LYS A 97 31.10 -4.62 -3.18
C LYS A 97 29.84 -5.17 -2.50
N ASN A 98 29.08 -4.28 -1.89
CA ASN A 98 27.95 -4.63 -1.06
C ASN A 98 26.61 -4.09 -1.60
N THR A 99 26.52 -3.94 -2.92
CA THR A 99 25.42 -3.20 -3.51
C THR A 99 24.88 -3.97 -4.69
N TYR A 100 23.76 -3.50 -5.22
CA TYR A 100 23.14 -4.13 -6.40
C TYR A 100 22.32 -3.13 -7.21
N GLN A 101 21.92 -3.53 -8.40
CA GLN A 101 21.24 -2.68 -9.36
C GLN A 101 19.93 -3.25 -9.82
N ALA A 102 19.01 -2.33 -10.15
CA ALA A 102 17.79 -2.62 -10.86
C ALA A 102 18.05 -2.42 -12.35
N LEU A 103 17.32 -3.15 -13.19
CA LEU A 103 17.33 -2.91 -14.62
C LEU A 103 15.93 -2.44 -15.09
N VAL A 104 15.91 -1.63 -16.14
CA VAL A 104 14.73 -1.48 -16.98
C VAL A 104 15.03 -2.27 -18.25
N ILE A 105 14.14 -3.19 -18.57
CA ILE A 105 14.29 -4.01 -19.76
C ILE A 105 13.10 -3.77 -20.69
N GLY A 106 13.30 -3.96 -21.99
CA GLY A 106 12.21 -3.90 -22.97
C GLY A 106 12.09 -5.17 -23.79
N ASN A 107 10.87 -5.45 -24.27
CA ASN A 107 10.56 -6.54 -25.18
C ASN A 107 11.22 -6.28 -26.54
N ALA A 108 11.99 -7.25 -27.04
CA ALA A 108 12.88 -7.02 -28.21
C ALA A 108 12.19 -7.09 -29.57
N GLU A 109 11.19 -7.96 -29.70
CA GLU A 109 10.33 -8.08 -30.89
C GLU A 109 9.61 -6.80 -31.23
N ALA A 110 8.96 -6.23 -30.22
CA ALA A 110 8.34 -4.89 -30.28
C ALA A 110 9.34 -3.73 -30.47
N GLY A 111 10.64 -4.02 -30.50
CA GLY A 111 11.68 -3.02 -30.63
C GLY A 111 11.68 -2.00 -29.50
N ILE A 112 11.45 -2.47 -28.26
CA ILE A 112 11.35 -1.57 -27.11
C ILE A 112 12.75 -1.37 -26.53
N ASN A 113 13.47 -0.40 -27.06
CA ASN A 113 14.91 -0.30 -26.76
C ASN A 113 15.32 1.02 -26.15
N SER A 114 14.35 1.88 -25.84
CA SER A 114 14.63 3.16 -25.24
C SER A 114 13.47 3.54 -24.34
N TYR A 115 13.65 4.62 -23.59
CA TYR A 115 12.62 5.12 -22.71
C TYR A 115 11.42 5.62 -23.50
N GLU A 116 11.69 6.35 -24.57
CA GLU A 116 10.62 6.90 -25.44
C GLU A 116 9.67 5.81 -26.01
N LYS A 117 10.16 4.61 -26.27
CA LYS A 117 9.30 3.51 -26.69
C LYS A 117 8.44 2.91 -25.56
N ILE A 118 8.73 3.21 -24.29
CA ILE A 118 7.85 2.81 -23.18
C ILE A 118 6.52 3.59 -23.16
N GLU A 119 6.51 4.77 -23.75
CA GLU A 119 5.35 5.67 -23.62
C GLU A 119 4.12 5.06 -24.29
N GLY A 120 3.01 4.98 -23.54
CA GLY A 120 1.77 4.36 -24.06
C GLY A 120 1.72 2.82 -24.07
N LYS A 121 2.65 2.18 -23.35
CA LYS A 121 2.77 0.72 -23.33
C LYS A 121 2.62 0.21 -21.90
N ILE A 122 2.69 -1.11 -21.74
CA ILE A 122 2.51 -1.70 -20.43
C ILE A 122 3.90 -1.95 -19.80
N MET A 123 4.07 -1.41 -18.59
CA MET A 123 5.29 -1.59 -17.81
C MET A 123 5.01 -2.57 -16.66
N ALA A 124 5.77 -3.68 -16.62
CA ALA A 124 5.68 -4.65 -15.53
C ALA A 124 6.57 -4.27 -14.33
N TYR A 125 5.95 -4.24 -13.17
CA TYR A 125 6.60 -4.21 -11.89
C TYR A 125 6.31 -5.53 -11.17
N GLY A 126 7.09 -5.81 -10.13
CA GLY A 126 6.92 -7.05 -9.35
C GLY A 126 5.97 -6.81 -8.20
N ASP A 127 6.42 -7.04 -6.97
CA ASP A 127 5.60 -6.80 -5.79
C ASP A 127 5.64 -5.30 -5.58
N GLN A 128 4.55 -4.74 -5.05
CA GLN A 128 4.48 -3.31 -4.75
C GLN A 128 5.49 -2.85 -3.70
N ALA A 129 5.88 -3.75 -2.78
CA ALA A 129 6.94 -3.45 -1.82
C ALA A 129 8.37 -3.85 -2.27
N SER A 130 8.59 -4.05 -3.56
CA SER A 130 9.93 -4.35 -4.08
C SER A 130 10.71 -3.10 -4.32
N THR A 131 11.95 -3.12 -3.85
CA THR A 131 12.93 -2.13 -4.24
C THR A 131 13.32 -2.14 -5.75
N SER A 132 13.89 -3.24 -6.25
CA SER A 132 14.42 -3.26 -7.61
C SER A 132 13.41 -3.70 -8.69
N SER A 133 12.23 -4.17 -8.31
CA SER A 133 11.19 -4.39 -9.31
C SER A 133 10.00 -3.44 -9.15
N HIS A 134 10.15 -2.36 -8.37
CA HIS A 134 9.13 -1.28 -8.31
C HIS A 134 9.74 0.08 -8.05
N LEU A 135 10.11 0.38 -6.81
CA LEU A 135 10.58 1.71 -6.41
C LEU A 135 11.67 2.28 -7.35
N ILE A 136 12.73 1.50 -7.52
CA ILE A 136 13.91 1.92 -8.30
C ILE A 136 13.55 2.05 -9.79
N PRO A 137 13.04 0.98 -10.44
CA PRO A 137 12.68 1.22 -11.84
C PRO A 137 11.65 2.35 -12.03
N LYS A 138 10.73 2.52 -11.10
CA LYS A 138 9.75 3.59 -11.20
C LYS A 138 10.39 4.98 -11.14
N SER A 139 11.32 5.20 -10.20
CA SER A 139 12.09 6.44 -10.14
C SER A 139 12.90 6.68 -11.41
N MET A 140 13.56 5.65 -11.96
CA MET A 140 14.29 5.78 -13.21
CA MET A 140 14.30 5.78 -13.21
C MET A 140 13.35 6.23 -14.35
N LEU A 141 12.13 5.70 -14.38
CA LEU A 141 11.19 6.07 -15.43
C LEU A 141 10.72 7.53 -15.24
N LYS A 142 10.56 7.94 -13.98
CA LYS A 142 10.07 9.27 -13.64
C LYS A 142 11.08 10.35 -14.00
N GLN A 143 12.35 10.13 -13.66
CA GLN A 143 13.47 10.98 -14.13
C GLN A 143 13.46 11.20 -15.66
N LYS A 144 12.88 10.25 -16.41
CA LYS A 144 12.74 10.35 -17.86
C LYS A 144 11.28 10.73 -18.30
N GLN A 145 10.53 11.39 -17.40
CA GLN A 145 9.14 11.88 -17.64
C GLN A 145 8.08 10.83 -17.97
N LEU A 146 8.28 9.59 -17.53
CA LEU A 146 7.28 8.56 -17.68
C LEU A 146 6.64 8.40 -16.30
N LYS A 147 5.31 8.56 -16.23
CA LYS A 147 4.54 8.48 -14.98
C LYS A 147 3.39 7.52 -15.13
N ALA A 148 3.27 6.62 -14.14
CA ALA A 148 2.30 5.54 -14.14
C ALA A 148 0.89 6.09 -14.16
N GLY A 149 0.09 5.61 -15.12
CA GLY A 149 -1.26 6.12 -15.32
C GLY A 149 -1.37 7.55 -15.90
N GLU A 150 -0.26 8.17 -16.30
CA GLU A 150 -0.28 9.37 -17.13
C GLU A 150 0.12 9.00 -18.55
N ASN A 151 1.36 8.57 -18.75
CA ASN A 151 1.81 8.25 -20.12
C ASN A 151 2.27 6.82 -20.30
N TYR A 152 2.05 5.95 -19.29
CA TYR A 152 2.09 4.52 -19.51
C TYR A 152 1.20 3.79 -18.53
N GLU A 153 1.02 2.50 -18.75
CA GLU A 153 0.22 1.62 -17.86
C GLU A 153 1.12 0.65 -17.08
N GLU A 154 0.89 0.56 -15.78
CA GLU A 154 1.66 -0.32 -14.92
C GLU A 154 0.86 -1.57 -14.60
N VAL A 155 1.53 -2.72 -14.54
CA VAL A 155 0.96 -3.96 -14.01
C VAL A 155 1.90 -4.53 -12.95
N PHE A 156 1.35 -5.07 -11.87
CA PHE A 156 2.14 -5.74 -10.84
C PHE A 156 1.95 -7.24 -11.03
N VAL A 157 3.03 -7.92 -11.40
CA VAL A 157 3.02 -9.37 -11.65
C VAL A 157 3.63 -10.18 -10.49
N GLY A 158 4.01 -9.52 -9.41
CA GLY A 158 4.28 -10.17 -8.12
C GLY A 158 5.70 -10.55 -7.80
N ALA A 159 6.49 -10.94 -8.80
CA ALA A 159 7.85 -11.39 -8.57
C ALA A 159 8.78 -10.94 -9.69
N HIS A 160 10.09 -11.03 -9.45
CA HIS A 160 11.08 -10.64 -10.42
C HIS A 160 11.10 -11.58 -11.60
N ASP A 161 10.98 -12.89 -11.35
CA ASP A 161 10.93 -13.86 -12.45
C ASP A 161 9.66 -13.68 -13.31
N ALA A 162 8.56 -13.32 -12.69
CA ALA A 162 7.33 -13.06 -13.42
C ALA A 162 7.45 -11.80 -14.33
N VAL A 163 8.28 -10.83 -13.91
CA VAL A 163 8.53 -9.63 -14.70
C VAL A 163 9.31 -10.02 -15.92
N ALA A 164 10.42 -10.71 -15.70
CA ALA A 164 11.25 -11.19 -16.80
C ALA A 164 10.42 -11.95 -17.83
N ILE A 165 9.55 -12.86 -17.35
CA ILE A 165 8.73 -13.72 -18.21
C ILE A 165 7.79 -12.91 -19.10
N ALA A 166 7.02 -12.02 -18.46
CA ALA A 166 6.07 -11.13 -19.12
C ALA A 166 6.70 -10.25 -20.20
N VAL A 167 7.83 -9.63 -19.88
CA VAL A 167 8.52 -8.75 -20.83
C VAL A 167 9.07 -9.55 -22.03
N ALA A 168 9.59 -10.75 -21.77
CA ALA A 168 10.11 -11.62 -22.83
C ALA A 168 9.00 -12.26 -23.69
N ASN A 169 7.87 -12.57 -23.06
CA ASN A 169 6.62 -13.01 -23.72
C ASN A 169 6.06 -11.96 -24.65
N GLY A 170 5.93 -10.74 -24.14
CA GLY A 170 5.26 -9.67 -24.84
C GLY A 170 3.96 -9.26 -24.19
N LYS A 171 3.55 -9.93 -23.10
CA LYS A 171 2.39 -9.47 -22.30
C LYS A 171 2.60 -8.06 -21.77
N ALA A 172 3.85 -7.73 -21.47
CA ALA A 172 4.26 -6.37 -21.09
C ALA A 172 5.34 -5.97 -22.08
N GLN A 173 5.41 -4.68 -22.42
CA GLN A 173 6.41 -4.18 -23.37
C GLN A 173 7.75 -3.83 -22.68
N ALA A 174 7.68 -3.39 -21.42
CA ALA A 174 8.88 -3.18 -20.61
C ALA A 174 8.67 -3.69 -19.18
N GLY A 175 9.76 -3.74 -18.41
CA GLY A 175 9.68 -4.13 -17.01
C GLY A 175 10.83 -3.63 -16.18
N GLY A 176 10.70 -3.76 -14.87
CA GLY A 176 11.74 -3.40 -13.91
C GLY A 176 12.05 -4.61 -13.03
N LEU A 177 13.32 -4.99 -12.92
CA LEU A 177 13.71 -6.08 -12.04
C LEU A 177 15.18 -6.02 -11.63
N SER A 178 15.57 -6.98 -10.80
CA SER A 178 16.82 -7.00 -10.11
C SER A 178 17.83 -7.49 -11.14
N LYS A 179 18.97 -6.81 -11.22
CA LYS A 179 20.04 -7.24 -12.11
C LYS A 179 20.59 -8.63 -11.74
N PRO A 180 20.84 -8.93 -10.45
CA PRO A 180 21.34 -10.33 -10.23
C PRO A 180 20.30 -11.41 -10.58
N ILE A 181 19.02 -11.18 -10.32
CA ILE A 181 17.98 -12.14 -10.68
C ILE A 181 17.84 -12.28 -12.20
N PHE A 182 17.91 -11.18 -12.95
CA PHE A 182 17.91 -11.23 -14.40
C PHE A 182 19.09 -12.08 -14.91
N THR A 183 20.25 -11.87 -14.30
CA THR A 183 21.45 -12.59 -14.63
C THR A 183 21.31 -14.09 -14.36
N ALA A 184 20.84 -14.44 -13.17
CA ALA A 184 20.56 -15.84 -12.84
C ALA A 184 19.56 -16.48 -13.82
N LEU A 185 18.50 -15.74 -14.17
CA LEU A 185 17.47 -16.22 -15.07
C LEU A 185 17.99 -16.53 -16.45
N ILE A 186 18.93 -15.71 -16.94
CA ILE A 186 19.59 -15.94 -18.22
C ILE A 186 20.50 -17.17 -18.14
N GLU A 187 21.30 -17.25 -17.10
CA GLU A 187 22.23 -18.38 -16.91
C GLU A 187 21.56 -19.74 -16.68
N ARG A 188 20.43 -19.77 -15.98
CA ARG A 188 19.64 -20.99 -15.81
C ARG A 188 18.78 -21.36 -17.02
N GLY A 189 18.68 -20.47 -18.00
CA GLY A 189 17.89 -20.72 -19.20
C GLY A 189 16.41 -20.48 -19.08
N THR A 190 15.95 -20.03 -17.92
CA THR A 190 14.54 -19.66 -17.71
C THR A 190 14.04 -18.59 -18.70
N ILE A 191 14.93 -17.67 -19.10
CA ILE A 191 14.60 -16.62 -20.06
C ILE A 191 15.62 -16.67 -21.18
N ASP A 192 15.14 -16.54 -22.41
CA ASP A 192 16.01 -16.41 -23.60
C ASP A 192 16.47 -14.94 -23.69
N LYS A 193 17.79 -14.73 -23.81
CA LYS A 193 18.42 -13.40 -23.68
C LYS A 193 18.03 -12.41 -24.79
N ASN A 194 17.91 -12.91 -26.01
CA ASN A 194 17.61 -12.07 -27.15
C ASN A 194 16.16 -11.62 -27.24
N LYS A 195 15.27 -12.22 -26.45
CA LYS A 195 13.89 -11.71 -26.35
C LYS A 195 13.72 -10.47 -25.49
N VAL A 196 14.81 -9.95 -24.92
CA VAL A 196 14.76 -8.80 -24.01
C VAL A 196 15.95 -7.89 -24.30
N ILE A 197 15.75 -6.58 -24.13
CA ILE A 197 16.79 -5.57 -24.34
C ILE A 197 16.93 -4.79 -23.05
N ILE A 198 18.15 -4.60 -22.58
CA ILE A 198 18.39 -3.77 -21.39
C ILE A 198 18.34 -2.32 -21.84
N ILE A 199 17.47 -1.54 -21.21
CA ILE A 199 17.30 -0.12 -21.54
C ILE A 199 18.21 0.74 -20.67
N ALA A 200 18.26 0.42 -19.40
CA ALA A 200 18.99 1.20 -18.43
C ALA A 200 19.29 0.35 -17.19
N GLU A 201 20.24 0.84 -16.39
CA GLU A 201 20.58 0.26 -15.08
C GLU A 201 20.65 1.37 -14.06
N SER A 202 20.21 1.05 -12.84
CA SER A 202 20.09 2.01 -11.76
C SER A 202 21.44 2.30 -11.17
N LYS A 203 21.47 3.28 -10.26
CA LYS A 203 22.61 3.47 -9.40
C LYS A 203 22.70 2.29 -8.41
N PRO A 204 23.83 2.14 -7.69
CA PRO A 204 23.95 1.15 -6.59
C PRO A 204 23.03 1.44 -5.43
N PHE A 205 22.32 0.39 -4.97
CA PHE A 205 21.59 0.38 -3.73
C PHE A 205 22.18 -0.68 -2.81
N PRO A 206 21.98 -0.51 -1.52
CA PRO A 206 22.56 -1.49 -0.62
C PRO A 206 21.86 -2.84 -0.79
N GLN A 207 22.64 -3.91 -0.67
CA GLN A 207 22.10 -5.27 -0.78
C GLN A 207 20.99 -5.60 0.21
N TYR A 208 20.28 -6.68 -0.07
CA TYR A 208 19.21 -7.19 0.85
C TYR A 208 19.78 -7.48 2.29
N PRO A 209 19.19 -6.91 3.35
CA PRO A 209 19.61 -7.23 4.71
C PRO A 209 19.08 -8.56 5.22
N TRP A 210 19.99 -9.44 5.65
CA TRP A 210 19.65 -10.47 6.60
C TRP A 210 19.35 -9.77 7.90
N THR A 211 18.21 -10.09 8.51
CA THR A 211 17.80 -9.47 9.77
C THR A 211 17.52 -10.52 10.83
N MET A 212 17.65 -10.14 12.10
CA MET A 212 17.29 -10.98 13.24
C MET A 212 16.39 -10.22 14.21
N ARG A 213 15.66 -10.98 15.01
CA ARG A 213 14.79 -10.47 16.07
C ARG A 213 15.71 -9.85 17.12
N SER A 214 15.42 -8.60 17.52
CA SER A 214 16.30 -7.86 18.45
C SER A 214 16.34 -8.43 19.87
N ASP A 215 15.20 -8.86 20.39
CA ASP A 215 15.13 -9.48 21.73
C ASP A 215 15.65 -10.93 21.82
N LEU A 216 16.34 -11.41 20.78
CA LEU A 216 17.17 -12.63 20.91
C LEU A 216 18.32 -12.42 21.93
N ASP A 217 18.73 -13.50 22.56
CA ASP A 217 19.88 -13.50 23.49
C ASP A 217 21.16 -12.90 22.84
N SER A 218 21.84 -12.02 23.58
CA SER A 218 23.11 -11.37 23.18
C SER A 218 24.07 -12.32 22.51
N GLU A 219 24.39 -13.39 23.22
CA GLU A 219 25.39 -14.34 22.76
C GLU A 219 24.89 -15.08 21.53
N LEU A 220 23.59 -15.31 21.42
CA LEU A 220 23.04 -15.93 20.21
C LEU A 220 23.13 -14.97 19.02
N LYS A 221 22.72 -13.73 19.25
CA LYS A 221 22.85 -12.68 18.21
C LYS A 221 24.26 -12.58 17.65
N THR A 222 25.25 -12.58 18.55
CA THR A 222 26.65 -12.49 18.15
C THR A 222 27.04 -13.77 17.39
N GLN A 223 26.62 -14.94 17.89
CA GLN A 223 26.93 -16.19 17.17
C GLN A 223 26.38 -16.20 15.73
N ILE A 224 25.14 -15.76 15.58
CA ILE A 224 24.50 -15.66 14.24
C ILE A 224 25.31 -14.76 13.29
N GLN A 225 25.59 -13.54 13.75
CA GLN A 225 26.38 -12.56 12.98
C GLN A 225 27.74 -13.15 12.56
N GLN A 226 28.45 -13.70 13.53
CA GLN A 226 29.69 -14.43 13.27
C GLN A 226 29.62 -15.51 12.20
N ALA A 227 28.56 -16.33 12.27
CA ALA A 227 28.33 -17.43 11.34
C ALA A 227 28.30 -16.93 9.92
N PHE A 228 27.54 -15.87 9.73
CA PHE A 228 27.52 -15.19 8.43
C PHE A 228 28.86 -14.60 8.01
N LEU A 229 29.47 -13.83 8.90
CA LEU A 229 30.74 -13.17 8.58
C LEU A 229 31.89 -14.17 8.23
N GLU A 230 31.84 -15.35 8.87
CA GLU A 230 32.81 -16.42 8.63
C GLU A 230 32.61 -17.28 7.37
N LEU A 231 31.40 -17.32 6.83
CA LEU A 231 31.10 -18.19 5.70
C LEU A 231 31.97 -17.84 4.47
N GLU A 232 32.72 -18.82 3.96
CA GLU A 232 33.61 -18.59 2.81
C GLU A 232 33.50 -19.52 1.59
N ASP A 233 32.75 -20.63 1.66
CA ASP A 233 32.85 -21.63 0.57
C ASP A 233 31.93 -21.34 -0.63
N LYS A 234 32.50 -21.57 -1.81
CA LYS A 234 31.94 -21.26 -3.12
C LYS A 234 30.57 -21.89 -3.37
N ALA A 235 30.42 -23.18 -3.04
CA ALA A 235 29.20 -23.94 -3.34
C ALA A 235 27.94 -23.33 -2.71
N ILE A 236 28.05 -22.95 -1.43
CA ILE A 236 26.92 -22.36 -0.69
C ILE A 236 26.49 -20.99 -1.25
N LEU A 237 27.44 -20.20 -1.73
CA LEU A 237 27.16 -18.85 -2.22
C LEU A 237 26.96 -18.78 -3.74
N LYS A 238 27.22 -19.89 -4.44
CA LYS A 238 27.03 -20.01 -5.89
C LYS A 238 25.65 -19.52 -6.37
N PRO A 239 24.56 -19.89 -5.67
CA PRO A 239 23.23 -19.40 -6.09
C PRO A 239 22.98 -17.87 -5.96
N PHE A 240 23.90 -17.16 -5.30
CA PHE A 240 23.87 -15.70 -5.21
C PHE A 240 25.02 -15.02 -5.96
N LYS A 241 25.88 -15.80 -6.66
CA LYS A 241 27.18 -15.34 -7.21
C LYS A 241 28.00 -14.42 -6.27
N ALA A 242 28.04 -14.77 -4.99
CA ALA A 242 28.63 -13.93 -3.97
C ALA A 242 29.92 -14.52 -3.44
N ASP A 243 30.89 -13.68 -3.13
CA ASP A 243 32.15 -14.12 -2.46
C ASP A 243 32.04 -14.27 -0.93
N ALA A 244 31.13 -13.54 -0.29
CA ALA A 244 31.07 -13.46 1.18
C ALA A 244 29.82 -12.72 1.69
N PHE A 245 29.68 -12.67 3.01
CA PHE A 245 28.83 -11.69 3.69
C PHE A 245 29.64 -10.59 4.33
N THR A 246 29.13 -9.37 4.32
CA THR A 246 29.69 -8.32 5.16
C THR A 246 28.61 -7.91 6.13
N LEU A 247 28.95 -7.01 7.05
CA LEU A 247 28.04 -6.51 8.06
C LEU A 247 27.32 -5.28 7.57
N VAL A 248 26.10 -5.08 8.04
CA VAL A 248 25.30 -3.92 7.68
C VAL A 248 24.59 -3.41 8.94
N THR A 249 24.23 -2.13 8.96
CA THR A 249 23.39 -1.57 10.03
C THR A 249 22.18 -0.89 9.41
N ASP A 250 21.29 -0.45 10.27
CA ASP A 250 20.06 0.22 9.86
C ASP A 250 20.28 1.45 8.99
N GLN A 251 21.32 2.21 9.29
CA GLN A 251 21.59 3.51 8.65
C GLN A 251 21.95 3.35 7.17
N ASP A 252 22.66 2.27 6.84
CA ASP A 252 22.90 1.84 5.45
C ASP A 252 21.64 1.83 4.58
N TYR A 253 20.44 1.71 5.17
CA TYR A 253 19.17 1.76 4.40
C TYR A 253 18.48 3.12 4.31
N ASP A 254 19.11 4.18 4.79
CA ASP A 254 18.53 5.52 4.72
C ASP A 254 18.37 6.04 3.27
N VAL A 255 19.33 5.71 2.41
CA VAL A 255 19.17 5.98 0.95
C VAL A 255 17.85 5.41 0.38
N VAL A 256 17.46 4.20 0.81
CA VAL A 256 16.18 3.59 0.39
C VAL A 256 14.99 4.34 0.97
N ARG A 257 15.04 4.68 2.26
CA ARG A 257 13.99 5.52 2.89
C ARG A 257 13.76 6.85 2.16
N ASN A 258 14.85 7.55 1.85
CA ASN A 258 14.84 8.81 1.10
C ASN A 258 14.08 8.68 -0.23
N LEU A 259 14.36 7.61 -0.98
CA LEU A 259 13.70 7.38 -2.25
C LEU A 259 12.24 6.96 -2.02
N GLY A 260 12.00 6.16 -0.98
CA GLY A 260 10.63 5.83 -0.53
C GLY A 260 9.81 7.04 -0.08
N GLU A 261 10.48 8.02 0.51
CA GLU A 261 9.82 9.27 0.93
C GLU A 261 9.35 10.08 -0.30
N VAL A 262 10.27 10.30 -1.25
CA VAL A 262 9.96 11.05 -2.47
C VAL A 262 9.12 10.19 -3.42
N ASN B 8 -6.98 -0.06 31.23
CA ASN B 8 -5.65 -0.04 30.55
C ASN B 8 -5.78 -0.32 29.03
N LYS B 9 -6.12 -1.56 28.68
CA LYS B 9 -6.26 -2.00 27.29
C LYS B 9 -7.75 -1.98 26.96
N ALA B 10 -8.52 -2.69 27.79
CA ALA B 10 -9.92 -2.97 27.52
C ALA B 10 -10.83 -1.81 27.89
N ASN B 11 -10.61 -1.20 29.06
CA ASN B 11 -11.30 0.05 29.41
C ASN B 11 -10.27 1.14 29.72
N PRO B 12 -9.85 1.87 28.67
CA PRO B 12 -9.03 3.06 28.88
C PRO B 12 -9.91 4.25 29.19
N GLN B 13 -9.33 5.22 29.88
CA GLN B 13 -10.06 6.38 30.39
C GLN B 13 -10.18 7.46 29.34
N LYS B 14 -9.20 7.49 28.45
CA LYS B 14 -9.15 8.38 27.29
C LYS B 14 -9.36 7.54 26.01
N LEU B 15 -10.07 8.10 25.05
CA LEU B 15 -10.36 7.43 23.78
C LEU B 15 -9.74 8.19 22.60
N VAL B 16 -8.76 7.59 21.92
CA VAL B 16 -8.24 8.17 20.67
C VAL B 16 -9.23 7.91 19.51
N VAL B 17 -9.83 8.95 18.93
CA VAL B 17 -10.81 8.79 17.82
C VAL B 17 -10.25 9.30 16.47
N ALA B 18 -10.04 8.40 15.52
CA ALA B 18 -9.55 8.78 14.20
C ALA B 18 -10.67 9.05 13.22
N LEU B 19 -10.43 9.98 12.33
CA LEU B 19 -11.43 10.42 11.39
C LEU B 19 -10.80 10.44 10.03
N LEU B 20 -11.55 10.03 9.01
CA LEU B 20 -10.98 9.93 7.65
C LEU B 20 -10.64 11.36 7.15
N PRO B 21 -9.47 11.57 6.53
CA PRO B 21 -9.11 12.87 5.97
C PRO B 21 -9.64 12.98 4.51
N ASP B 22 -10.96 12.86 4.38
CA ASP B 22 -11.60 12.88 3.07
C ASP B 22 -11.80 14.30 2.59
N GLU B 23 -11.61 15.25 3.52
CA GLU B 23 -11.40 16.65 3.22
C GLU B 23 -10.25 17.18 4.09
N SER B 24 -10.00 18.49 4.06
CA SER B 24 -8.96 19.09 4.90
C SER B 24 -9.29 18.90 6.37
N ALA B 25 -8.25 18.70 7.17
CA ALA B 25 -8.37 18.44 8.61
C ALA B 25 -9.35 19.37 9.31
N ALA B 26 -9.27 20.66 8.98
CA ALA B 26 -10.11 21.70 9.58
C ALA B 26 -11.60 21.48 9.43
N THR B 27 -12.01 21.16 8.21
CA THR B 27 -13.43 20.93 7.89
C THR B 27 -13.94 19.64 8.55
N VAL B 28 -13.10 18.61 8.53
CA VAL B 28 -13.41 17.31 9.11
C VAL B 28 -13.61 17.40 10.63
N ILE B 29 -12.66 18.03 11.33
CA ILE B 29 -12.78 18.30 12.78
C ILE B 29 -14.02 19.14 13.11
N GLN B 30 -14.24 20.21 12.38
CA GLN B 30 -15.43 21.06 12.58
C GLN B 30 -16.75 20.29 12.39
N ASN B 31 -16.79 19.40 11.40
CA ASN B 31 -17.95 18.53 11.21
C ASN B 31 -18.23 17.60 12.42
N ASN B 32 -17.18 17.09 13.06
CA ASN B 32 -17.28 16.10 14.14
C ASN B 32 -17.21 16.67 15.56
N LYS B 33 -17.25 17.99 15.69
CA LYS B 33 -17.07 18.63 16.99
C LYS B 33 -18.28 18.31 17.86
N GLY B 34 -19.47 18.63 17.34
CA GLY B 34 -20.75 18.32 18.00
C GLY B 34 -20.96 16.87 18.40
N LEU B 35 -20.56 15.94 17.52
CA LEU B 35 -20.64 14.51 17.83
C LEU B 35 -19.68 14.14 18.94
N GLU B 36 -18.50 14.75 18.94
CA GLU B 36 -17.51 14.45 19.97
C GLU B 36 -18.02 14.81 21.38
N MET B 37 -18.68 15.96 21.51
CA MET B 37 -19.15 16.46 22.81
C MET B 37 -20.24 15.54 23.35
N TYR B 38 -21.16 15.14 22.48
CA TYR B 38 -22.19 14.17 22.80
C TYR B 38 -21.59 12.85 23.28
N LEU B 39 -20.56 12.37 22.59
CA LEU B 39 -19.88 11.15 23.00
C LEU B 39 -19.12 11.24 24.32
N GLU B 40 -18.42 12.36 24.54
CA GLU B 40 -17.69 12.58 25.80
C GLU B 40 -18.65 12.62 27.00
N ASN B 41 -19.80 13.26 26.82
CA ASN B 41 -20.82 13.34 27.87
C ASN B 41 -21.43 11.97 28.08
N LYS B 42 -22.01 11.44 27.02
CA LYS B 42 -22.73 10.18 27.09
C LYS B 42 -21.87 8.98 27.55
N LEU B 43 -20.58 8.98 27.22
CA LEU B 43 -19.65 7.93 27.71
C LEU B 43 -18.84 8.33 28.96
N ASN B 44 -18.94 9.57 29.42
CA ASN B 44 -18.10 10.08 30.54
C ASN B 44 -16.62 9.74 30.35
N LYS B 45 -16.11 9.89 29.13
CA LYS B 45 -14.68 9.66 28.88
C LYS B 45 -14.19 10.82 28.05
N ASP B 46 -12.87 11.01 28.02
CA ASP B 46 -12.29 12.03 27.15
C ASP B 46 -11.83 11.44 25.82
N ILE B 47 -11.96 12.26 24.78
CA ILE B 47 -11.76 11.86 23.38
C ILE B 47 -10.83 12.84 22.68
N GLU B 48 -9.71 12.34 22.18
CA GLU B 48 -8.81 13.13 21.35
C GLU B 48 -9.06 12.78 19.88
N LEU B 49 -9.54 13.74 19.09
CA LEU B 49 -9.72 13.55 17.64
C LEU B 49 -8.39 13.50 16.94
N PHE B 50 -8.31 12.69 15.90
CA PHE B 50 -7.08 12.54 15.15
C PHE B 50 -7.38 12.39 13.68
N VAL B 51 -6.90 13.34 12.88
CA VAL B 51 -7.01 13.28 11.42
C VAL B 51 -5.64 13.01 10.85
N SER B 52 -5.46 11.88 10.18
CA SER B 52 -4.17 11.55 9.60
C SER B 52 -3.85 12.44 8.38
N THR B 53 -2.62 12.31 7.89
CA THR B 53 -2.17 13.01 6.69
C THR B 53 -2.85 12.47 5.40
N ASP B 54 -2.89 11.13 5.28
CA ASP B 54 -3.57 10.42 4.19
C ASP B 54 -4.27 9.14 4.72
N TYR B 55 -5.00 8.44 3.84
CA TYR B 55 -5.77 7.27 4.25
C TYR B 55 -4.83 6.14 4.72
N SER B 56 -3.79 5.87 3.94
CA SER B 56 -2.82 4.81 4.23
C SER B 56 -2.20 4.89 5.64
N SER B 57 -1.96 6.10 6.12
CA SER B 57 -1.34 6.28 7.43
C SER B 57 -2.34 6.10 8.57
N MET B 58 -3.62 6.39 8.31
CA MET B 58 -4.71 6.03 9.21
C MET B 58 -4.82 4.51 9.31
N ILE B 59 -4.67 3.82 8.18
CA ILE B 59 -4.64 2.37 8.18
C ILE B 59 -3.48 1.81 9.06
N GLU B 60 -2.31 2.45 8.97
CA GLU B 60 -1.11 2.01 9.71
C GLU B 60 -1.29 2.19 11.24
N VAL B 61 -1.75 3.36 11.62
CA VAL B 61 -2.02 3.72 13.01
C VAL B 61 -3.06 2.78 13.62
N ALA B 62 -4.08 2.46 12.83
CA ALA B 62 -5.11 1.51 13.24
C ALA B 62 -4.51 0.12 13.47
N SER B 63 -3.64 -0.31 12.56
CA SER B 63 -2.99 -1.62 12.65
C SER B 63 -2.02 -1.75 13.85
N LYS B 64 -1.55 -0.62 14.35
CA LYS B 64 -0.68 -0.60 15.53
C LYS B 64 -1.45 -0.59 16.85
N GLY B 65 -2.78 -0.48 16.80
CA GLY B 65 -3.63 -0.52 17.99
C GLY B 65 -3.76 0.83 18.67
N ARG B 66 -3.37 1.90 17.96
CA ARG B 66 -3.28 3.22 18.57
C ARG B 66 -4.60 3.95 18.63
N LEU B 67 -5.62 3.41 17.97
CA LEU B 67 -6.95 3.99 17.92
C LEU B 67 -7.92 3.16 18.73
N ASP B 68 -8.93 3.84 19.30
CA ASP B 68 -10.02 3.22 20.04
C ASP B 68 -11.32 3.20 19.20
N LEU B 69 -11.65 4.33 18.57
CA LEU B 69 -12.61 4.39 17.45
C LEU B 69 -11.94 4.97 16.20
N ALA B 70 -12.43 4.56 15.03
CA ALA B 70 -11.94 5.08 13.74
C ALA B 70 -13.10 5.13 12.73
N TYR B 71 -13.34 6.31 12.17
CA TYR B 71 -14.34 6.53 11.19
C TYR B 71 -13.70 6.33 9.82
N PHE B 72 -13.76 5.10 9.31
CA PHE B 72 -13.10 4.73 8.05
C PHE B 72 -14.02 4.97 6.86
N GLY B 73 -13.44 4.96 5.67
CA GLY B 73 -14.20 4.89 4.43
C GLY B 73 -14.41 3.41 4.16
N PRO B 74 -15.36 3.08 3.27
CA PRO B 74 -15.56 1.63 3.07
C PRO B 74 -14.33 0.84 2.67
N LEU B 75 -13.56 1.34 1.69
CA LEU B 75 -12.37 0.66 1.19
C LEU B 75 -11.24 0.71 2.22
N SER B 76 -11.05 1.85 2.87
CA SER B 76 -9.99 1.95 3.88
C SER B 76 -10.31 1.06 5.10
N TYR B 77 -11.60 0.78 5.36
CA TYR B 77 -12.01 -0.21 6.37
C TYR B 77 -11.59 -1.63 6.02
N VAL B 78 -11.91 -2.09 4.81
CA VAL B 78 -11.62 -3.50 4.47
C VAL B 78 -10.11 -3.73 4.41
N LEU B 79 -9.36 -2.72 3.98
CA LEU B 79 -7.89 -2.77 4.02
C LEU B 79 -7.36 -2.81 5.47
N ALA B 80 -7.90 -1.95 6.33
CA ALA B 80 -7.54 -1.95 7.76
C ALA B 80 -7.87 -3.27 8.41
N LYS B 81 -9.03 -3.83 8.06
CA LYS B 81 -9.53 -5.04 8.68
C LYS B 81 -8.59 -6.22 8.53
N THR B 82 -7.95 -6.35 7.38
CA THR B 82 -6.99 -7.43 7.15
C THR B 82 -5.78 -7.38 8.10
N LYS B 83 -5.45 -6.18 8.60
CA LYS B 83 -4.31 -5.96 9.45
C LYS B 83 -4.69 -5.78 10.91
N SER B 84 -5.92 -5.34 11.19
CA SER B 84 -6.25 -4.77 12.48
C SER B 84 -7.37 -5.53 13.14
N ASN B 85 -7.29 -5.66 14.47
CA ASN B 85 -8.39 -6.17 15.27
C ASN B 85 -9.32 -4.99 15.53
N ILE B 86 -10.16 -4.74 14.54
CA ILE B 86 -11.09 -3.62 14.51
C ILE B 86 -12.44 -4.21 14.04
N GLU B 87 -13.55 -3.59 14.46
CA GLU B 87 -14.84 -4.07 14.02
C GLU B 87 -15.79 -2.93 13.81
N PRO B 88 -16.60 -3.01 12.73
CA PRO B 88 -17.56 -2.00 12.39
C PRO B 88 -18.78 -2.17 13.26
N PHE B 89 -19.44 -1.06 13.58
CA PHE B 89 -20.65 -1.10 14.42
C PHE B 89 -21.75 -0.11 14.04
N ALA B 90 -21.42 0.98 13.36
CA ALA B 90 -22.46 1.97 13.04
C ALA B 90 -22.17 2.73 11.73
N ALA B 91 -23.22 3.14 11.04
CA ALA B 91 -23.10 4.04 9.90
C ALA B 91 -24.34 4.94 9.81
N LEU B 92 -24.16 6.08 9.17
CA LEU B 92 -25.22 7.09 9.02
C LEU B 92 -26.39 6.55 8.23
N GLU B 93 -27.60 6.89 8.68
CA GLU B 93 -28.84 6.64 7.96
C GLU B 93 -29.39 7.95 7.42
N LYS B 94 -29.64 8.01 6.13
CA LYS B 94 -30.30 9.16 5.51
C LYS B 94 -31.48 8.64 4.74
N ASP B 95 -32.64 9.23 4.99
CA ASP B 95 -33.88 8.96 4.26
C ASP B 95 -34.20 7.46 4.27
N GLY B 96 -34.14 6.88 5.47
CA GLY B 96 -34.33 5.45 5.66
C GLY B 96 -33.42 4.53 4.87
N LYS B 97 -32.20 4.97 4.59
CA LYS B 97 -31.17 4.21 3.84
C LYS B 97 -29.83 4.41 4.54
N ASN B 98 -28.89 3.49 4.36
CA ASN B 98 -27.51 3.71 4.82
C ASN B 98 -26.50 3.49 3.67
N THR B 99 -26.76 4.17 2.57
CA THR B 99 -25.93 4.06 1.37
C THR B 99 -25.43 5.41 0.90
N TYR B 100 -24.47 5.38 0.00
CA TYR B 100 -24.00 6.62 -0.64
C TYR B 100 -23.53 6.33 -2.05
N GLN B 101 -23.47 7.38 -2.86
CA GLN B 101 -22.99 7.29 -4.23
C GLN B 101 -21.71 8.09 -4.50
N ALA B 102 -20.90 7.60 -5.47
CA ALA B 102 -19.83 8.34 -6.05
C ALA B 102 -20.36 9.08 -7.27
N LEU B 103 -19.67 10.15 -7.62
CA LEU B 103 -19.98 10.95 -8.81
C LEU B 103 -18.74 10.99 -9.72
N VAL B 104 -18.98 10.97 -11.04
CA VAL B 104 -17.99 11.41 -12.03
C VAL B 104 -18.41 12.76 -12.50
N ILE B 105 -17.53 13.74 -12.32
CA ILE B 105 -17.83 15.13 -12.65
C ILE B 105 -16.88 15.62 -13.73
N GLY B 106 -17.25 16.72 -14.36
CA GLY B 106 -16.51 17.29 -15.46
C GLY B 106 -16.46 18.78 -15.35
N ASN B 107 -15.41 19.38 -15.91
CA ASN B 107 -15.25 20.85 -15.92
C ASN B 107 -16.28 21.39 -16.88
N ALA B 108 -17.11 22.33 -16.44
CA ALA B 108 -18.22 22.83 -17.29
C ALA B 108 -17.75 23.69 -18.45
N GLU B 109 -16.79 24.58 -18.17
CA GLU B 109 -16.19 25.50 -19.16
C GLU B 109 -15.56 24.84 -20.36
N ALA B 110 -14.88 23.70 -20.16
CA ALA B 110 -14.34 22.93 -21.29
C ALA B 110 -15.36 21.94 -21.90
N GLY B 111 -16.61 22.01 -21.48
CA GLY B 111 -17.69 21.19 -22.07
C GLY B 111 -17.59 19.70 -21.81
N ILE B 112 -16.93 19.30 -20.71
CA ILE B 112 -16.75 17.87 -20.42
C ILE B 112 -18.01 17.36 -19.74
N ASN B 113 -18.90 16.86 -20.58
CA ASN B 113 -20.24 16.42 -20.19
C ASN B 113 -20.55 14.98 -20.54
N SER B 114 -19.53 14.20 -20.91
CA SER B 114 -19.72 12.79 -21.20
C SER B 114 -18.43 12.03 -20.98
N TYR B 115 -18.55 10.72 -20.90
CA TYR B 115 -17.38 9.82 -20.88
C TYR B 115 -16.45 10.02 -22.08
N GLU B 116 -17.03 10.21 -23.27
CA GLU B 116 -16.24 10.44 -24.46
C GLU B 116 -15.35 11.66 -24.36
N LYS B 117 -15.81 12.71 -23.68
CA LYS B 117 -15.01 13.92 -23.53
C LYS B 117 -13.84 13.77 -22.55
N ILE B 118 -13.84 12.74 -21.69
CA ILE B 118 -12.72 12.51 -20.79
C ILE B 118 -11.50 11.98 -21.55
N GLU B 119 -11.72 11.30 -22.66
CA GLU B 119 -10.63 10.71 -23.41
C GLU B 119 -9.54 11.74 -23.77
N GLY B 120 -8.30 11.35 -23.51
CA GLY B 120 -7.14 12.20 -23.68
C GLY B 120 -6.98 13.34 -22.68
N LYS B 121 -7.76 13.39 -21.59
CA LYS B 121 -7.71 14.54 -20.67
C LYS B 121 -7.24 14.09 -19.28
N ILE B 122 -7.26 15.01 -18.33
CA ILE B 122 -6.87 14.76 -16.95
C ILE B 122 -8.06 14.42 -16.07
N MET B 123 -7.98 13.27 -15.42
CA MET B 123 -8.99 12.84 -14.47
C MET B 123 -8.38 12.87 -13.07
N ALA B 124 -9.02 13.64 -12.18
CA ALA B 124 -8.59 13.72 -10.75
C ALA B 124 -9.26 12.65 -9.85
N TYR B 125 -8.43 11.77 -9.28
CA TYR B 125 -8.85 10.92 -8.16
C TYR B 125 -8.38 11.53 -6.84
N GLY B 126 -8.93 11.05 -5.73
CA GLY B 126 -8.61 11.55 -4.40
C GLY B 126 -7.48 10.74 -3.82
N ASP B 127 -7.71 10.07 -2.69
CA ASP B 127 -6.71 9.20 -2.08
C ASP B 127 -6.73 7.88 -2.85
N GLN B 128 -5.56 7.27 -3.06
CA GLN B 128 -5.52 5.95 -3.70
C GLN B 128 -6.28 4.84 -2.99
N ALA B 129 -6.53 4.99 -1.67
CA ALA B 129 -7.34 4.02 -0.89
C ALA B 129 -8.79 4.47 -0.72
N SER B 130 -9.24 5.42 -1.56
CA SER B 130 -10.59 5.97 -1.46
C SER B 130 -11.58 5.16 -2.27
N THR B 131 -12.69 4.82 -1.63
CA THR B 131 -13.81 4.19 -2.29
C THR B 131 -14.47 5.10 -3.36
N SER B 132 -14.96 6.28 -2.96
CA SER B 132 -15.79 7.07 -3.87
C SER B 132 -15.01 8.11 -4.66
N SER B 133 -13.74 8.35 -4.29
CA SER B 133 -12.88 9.21 -5.11
C SER B 133 -11.79 8.44 -5.87
N HIS B 134 -11.77 7.13 -5.78
CA HIS B 134 -10.86 6.33 -6.64
C HIS B 134 -11.51 5.09 -7.23
N LEU B 135 -11.83 4.11 -6.37
CA LEU B 135 -12.24 2.75 -6.80
C LEU B 135 -13.50 2.80 -7.66
N ILE B 136 -14.51 3.45 -7.12
CA ILE B 136 -15.79 3.50 -7.75
C ILE B 136 -15.74 4.30 -9.08
N PRO B 137 -15.31 5.59 -9.06
CA PRO B 137 -15.17 6.30 -10.37
C PRO B 137 -14.30 5.62 -11.40
N LYS B 138 -13.19 5.03 -10.97
CA LYS B 138 -12.30 4.30 -11.87
C LYS B 138 -13.02 3.16 -12.58
N SER B 139 -13.76 2.34 -11.84
CA SER B 139 -14.51 1.22 -12.46
C SER B 139 -15.64 1.71 -13.37
N MET B 140 -16.35 2.77 -12.96
CA MET B 140 -17.25 3.47 -13.87
C MET B 140 -16.53 3.87 -15.19
N LEU B 141 -15.30 4.38 -15.08
CA LEU B 141 -14.54 4.74 -16.29
C LEU B 141 -14.16 3.54 -17.13
N LYS B 142 -13.69 2.45 -16.48
CA LYS B 142 -13.34 1.22 -17.20
C LYS B 142 -14.51 0.57 -17.93
N GLN B 143 -15.71 0.65 -17.36
CA GLN B 143 -16.92 0.16 -18.01
C GLN B 143 -17.22 0.91 -19.31
N LYS B 144 -16.67 2.11 -19.45
CA LYS B 144 -16.75 2.91 -20.68
C LYS B 144 -15.42 2.91 -21.49
N GLN B 145 -14.57 1.91 -21.27
CA GLN B 145 -13.28 1.73 -21.99
C GLN B 145 -12.24 2.86 -21.82
N LEU B 146 -12.26 3.54 -20.67
CA LEU B 146 -11.22 4.49 -20.33
C LEU B 146 -10.24 3.84 -19.33
N LYS B 147 -8.95 3.88 -19.68
CA LYS B 147 -7.91 3.15 -18.97
C LYS B 147 -6.75 4.10 -18.77
N ALA B 148 -6.39 4.30 -17.51
CA ALA B 148 -5.42 5.32 -17.12
C ALA B 148 -4.03 5.02 -17.67
N GLY B 149 -3.41 6.05 -18.24
CA GLY B 149 -2.09 5.89 -18.85
C GLY B 149 -2.12 5.44 -20.30
N GLU B 150 -3.25 4.91 -20.76
CA GLU B 150 -3.46 4.56 -22.15
C GLU B 150 -4.24 5.65 -22.90
N ASN B 151 -5.45 5.97 -22.42
CA ASN B 151 -6.30 6.95 -23.13
C ASN B 151 -6.83 8.09 -22.27
N TYR B 152 -6.42 8.17 -21.03
CA TYR B 152 -6.50 9.39 -20.26
C TYR B 152 -5.39 9.37 -19.24
N GLU B 153 -5.16 10.54 -18.65
CA GLU B 153 -4.14 10.75 -17.66
C GLU B 153 -4.81 10.91 -16.29
N GLU B 154 -4.37 10.11 -15.30
CA GLU B 154 -4.90 10.21 -13.94
C GLU B 154 -3.95 11.00 -13.03
N VAL B 155 -4.55 11.68 -12.06
CA VAL B 155 -3.81 12.35 -11.00
C VAL B 155 -4.55 12.20 -9.66
N PHE B 156 -3.77 11.92 -8.61
CA PHE B 156 -4.28 11.68 -7.29
C PHE B 156 -4.02 12.92 -6.50
N VAL B 157 -5.06 13.68 -6.18
CA VAL B 157 -4.90 14.91 -5.40
C VAL B 157 -5.22 14.73 -3.91
N GLY B 158 -5.34 13.48 -3.43
CA GLY B 158 -5.31 13.18 -1.99
C GLY B 158 -6.62 13.23 -1.21
N ALA B 159 -7.50 14.18 -1.53
CA ALA B 159 -8.80 14.34 -0.86
C ALA B 159 -9.92 14.68 -1.85
N HIS B 160 -11.16 14.58 -1.38
CA HIS B 160 -12.37 14.85 -2.18
C HIS B 160 -12.59 16.32 -2.47
N ASP B 161 -12.30 17.17 -1.48
CA ASP B 161 -12.35 18.62 -1.70
C ASP B 161 -11.31 19.09 -2.73
N ALA B 162 -10.11 18.50 -2.66
CA ALA B 162 -9.06 18.77 -3.66
C ALA B 162 -9.52 18.40 -5.08
N VAL B 163 -10.24 17.27 -5.21
CA VAL B 163 -10.81 16.85 -6.50
C VAL B 163 -11.72 17.88 -7.09
N ALA B 164 -12.71 18.28 -6.31
CA ALA B 164 -13.68 19.28 -6.75
C ALA B 164 -12.99 20.57 -7.20
N ILE B 165 -12.08 21.07 -6.35
CA ILE B 165 -11.32 22.32 -6.59
C ILE B 165 -10.45 22.17 -7.86
N ALA B 166 -9.82 21.01 -8.04
CA ALA B 166 -9.00 20.76 -9.22
C ALA B 166 -9.83 20.81 -10.51
N VAL B 167 -11.01 20.20 -10.48
CA VAL B 167 -11.89 20.16 -11.63
C VAL B 167 -12.47 21.56 -11.89
N ALA B 168 -12.94 22.23 -10.84
CA ALA B 168 -13.55 23.58 -10.96
C ALA B 168 -12.59 24.69 -11.46
N ASN B 169 -11.32 24.63 -11.07
CA ASN B 169 -10.27 25.52 -11.61
C ASN B 169 -9.67 25.04 -12.94
N GLY B 170 -10.03 23.84 -13.41
CA GLY B 170 -9.64 23.37 -14.72
C GLY B 170 -8.24 22.76 -14.85
N LYS B 171 -7.57 22.55 -13.72
CA LYS B 171 -6.37 21.75 -13.65
C LYS B 171 -6.70 20.31 -14.04
N ALA B 172 -7.85 19.82 -13.62
CA ALA B 172 -8.34 18.52 -14.15
C ALA B 172 -9.59 18.80 -14.95
N GLN B 173 -9.84 17.99 -15.97
CA GLN B 173 -11.05 18.13 -16.76
C GLN B 173 -12.21 17.27 -16.24
N ALA B 174 -11.89 16.19 -15.54
CA ALA B 174 -12.89 15.44 -14.86
C ALA B 174 -12.35 14.96 -13.52
N GLY B 175 -13.25 14.54 -12.65
CA GLY B 175 -12.89 14.02 -11.33
C GLY B 175 -13.90 12.98 -10.85
N GLY B 176 -13.50 12.21 -9.83
CA GLY B 176 -14.40 11.28 -9.13
C GLY B 176 -14.38 11.63 -7.65
N LEU B 177 -15.55 11.83 -7.06
CA LEU B 177 -15.68 12.10 -5.64
C LEU B 177 -17.06 11.64 -5.10
N SER B 178 -17.26 11.76 -3.79
CA SER B 178 -18.46 11.26 -3.15
C SER B 178 -19.50 12.29 -3.37
N LYS B 179 -20.73 11.82 -3.58
CA LYS B 179 -21.89 12.70 -3.76
C LYS B 179 -22.27 13.53 -2.52
N PRO B 180 -22.25 12.91 -1.31
CA PRO B 180 -22.46 13.76 -0.11
C PRO B 180 -21.46 14.91 0.01
N ILE B 181 -20.18 14.64 -0.27
CA ILE B 181 -19.17 15.69 -0.13
C ILE B 181 -19.36 16.75 -1.20
N PHE B 182 -19.48 16.35 -2.46
CA PHE B 182 -19.82 17.28 -3.54
C PHE B 182 -20.99 18.19 -3.15
N THR B 183 -22.07 17.57 -2.68
CA THR B 183 -23.26 18.31 -2.27
C THR B 183 -22.96 19.33 -1.15
N ALA B 184 -22.17 18.93 -0.15
CA ALA B 184 -21.74 19.84 0.92
C ALA B 184 -20.83 20.99 0.45
N LEU B 185 -19.89 20.69 -0.46
CA LEU B 185 -18.99 21.72 -1.04
C LEU B 185 -19.78 22.79 -1.80
N ILE B 186 -20.83 22.38 -2.51
CA ILE B 186 -21.72 23.31 -3.21
C ILE B 186 -22.52 24.15 -2.19
N GLU B 187 -23.15 23.47 -1.23
CA GLU B 187 -23.93 24.12 -0.16
C GLU B 187 -23.15 25.15 0.65
N ARG B 188 -21.92 24.82 1.04
CA ARG B 188 -21.08 25.74 1.82
C ARG B 188 -20.33 26.80 0.99
N GLY B 189 -20.56 26.84 -0.32
CA GLY B 189 -19.99 27.85 -1.19
C GLY B 189 -18.52 27.69 -1.53
N THR B 190 -17.97 26.51 -1.31
CA THR B 190 -16.54 26.24 -1.62
C THR B 190 -16.30 26.10 -3.13
N ILE B 191 -17.34 25.69 -3.85
CA ILE B 191 -17.30 25.42 -5.28
C ILE B 191 -18.57 26.01 -5.89
N ASP B 192 -18.41 26.78 -6.96
CA ASP B 192 -19.55 27.26 -7.74
C ASP B 192 -20.09 26.11 -8.59
N LYS B 193 -21.40 25.85 -8.44
CA LYS B 193 -22.21 24.92 -9.23
C LYS B 193 -21.95 24.92 -10.72
N ASN B 194 -21.96 26.14 -11.28
CA ASN B 194 -21.82 26.38 -12.73
C ASN B 194 -20.48 25.87 -13.31
N LYS B 195 -19.49 25.63 -12.46
CA LYS B 195 -18.16 25.24 -12.94
C LYS B 195 -17.96 23.73 -13.15
N VAL B 196 -18.95 22.94 -12.74
CA VAL B 196 -18.82 21.48 -12.73
C VAL B 196 -20.10 20.86 -13.28
N ILE B 197 -19.97 19.77 -14.02
CA ILE B 197 -21.11 19.01 -14.55
C ILE B 197 -21.02 17.59 -13.99
N ILE B 198 -22.17 17.01 -13.60
CA ILE B 198 -22.29 15.61 -13.24
C ILE B 198 -22.52 14.78 -14.49
N ILE B 199 -21.51 14.01 -14.85
CA ILE B 199 -21.53 13.12 -15.97
C ILE B 199 -22.32 11.86 -15.58
N ALA B 200 -22.02 11.30 -14.41
CA ALA B 200 -22.63 10.05 -13.94
C ALA B 200 -22.53 9.85 -12.43
N GLU B 201 -23.37 8.93 -11.97
CA GLU B 201 -23.55 8.61 -10.57
C GLU B 201 -23.52 7.09 -10.45
N SER B 202 -22.85 6.59 -9.41
CA SER B 202 -22.64 5.17 -9.25
C SER B 202 -23.91 4.55 -8.70
N LYS B 203 -23.92 3.23 -8.70
CA LYS B 203 -24.81 2.43 -7.86
C LYS B 203 -24.60 2.83 -6.37
N PRO B 204 -25.63 2.65 -5.51
CA PRO B 204 -25.41 2.85 -4.07
C PRO B 204 -24.48 1.81 -3.42
N PHE B 205 -23.59 2.31 -2.56
CA PHE B 205 -22.62 1.53 -1.80
C PHE B 205 -22.82 1.73 -0.29
N PRO B 206 -22.39 0.75 0.51
CA PRO B 206 -22.56 0.92 1.95
C PRO B 206 -21.80 2.12 2.52
N GLN B 207 -22.47 2.83 3.41
CA GLN B 207 -21.91 3.97 4.13
C GLN B 207 -20.61 3.70 4.87
N TYR B 208 -19.92 4.79 5.18
CA TYR B 208 -18.66 4.82 5.96
C TYR B 208 -18.92 4.12 7.31
N PRO B 209 -18.19 3.05 7.62
CA PRO B 209 -18.33 2.42 8.94
C PRO B 209 -17.54 3.13 10.05
N TRP B 210 -18.23 3.51 11.13
CA TRP B 210 -17.58 3.72 12.43
C TRP B 210 -17.16 2.39 12.94
N THR B 211 -15.95 2.33 13.48
CA THR B 211 -15.30 1.09 13.87
C THR B 211 -14.75 1.30 15.28
N MET B 212 -14.54 0.22 16.01
CA MET B 212 -13.86 0.27 17.29
C MET B 212 -12.88 -0.87 17.38
N ARG B 213 -11.87 -0.68 18.21
CA ARG B 213 -10.89 -1.73 18.53
C ARG B 213 -11.62 -2.91 19.21
N SER B 214 -11.45 -4.12 18.68
CA SER B 214 -12.12 -5.32 19.17
C SER B 214 -11.72 -5.68 20.59
N ASP B 215 -10.48 -5.31 20.94
CA ASP B 215 -9.93 -5.57 22.27
C ASP B 215 -10.59 -4.81 23.41
N LEU B 216 -11.39 -3.79 23.12
CA LEU B 216 -12.13 -3.08 24.19
C LEU B 216 -13.08 -4.07 24.87
N ASP B 217 -13.37 -3.86 26.15
CA ASP B 217 -14.22 -4.85 26.87
C ASP B 217 -15.69 -4.65 26.50
N SER B 218 -16.44 -5.72 26.70
CA SER B 218 -17.78 -5.89 26.18
C SER B 218 -18.75 -4.78 26.52
N GLU B 219 -18.76 -4.38 27.80
CA GLU B 219 -19.74 -3.37 28.27
C GLU B 219 -19.47 -2.04 27.62
N LEU B 220 -18.18 -1.69 27.52
CA LEU B 220 -17.79 -0.43 26.91
C LEU B 220 -18.19 -0.43 25.42
N LYS B 221 -17.88 -1.50 24.71
CA LYS B 221 -18.30 -1.66 23.29
C LYS B 221 -19.81 -1.52 23.08
N THR B 222 -20.58 -2.14 23.98
CA THR B 222 -22.04 -2.03 23.92
C THR B 222 -22.48 -0.61 24.20
N GLN B 223 -21.84 0.00 25.20
CA GLN B 223 -22.09 1.42 25.54
C GLN B 223 -21.84 2.41 24.40
N ILE B 224 -20.74 2.20 23.68
CA ILE B 224 -20.41 3.03 22.50
C ILE B 224 -21.49 2.80 21.40
N GLN B 225 -21.83 1.54 21.16
CA GLN B 225 -22.84 1.21 20.15
C GLN B 225 -24.19 1.85 20.46
N GLN B 226 -24.63 1.74 21.71
CA GLN B 226 -25.86 2.38 22.17
C GLN B 226 -25.87 3.89 22.05
N ALA B 227 -24.76 4.51 22.39
CA ALA B 227 -24.64 5.96 22.28
C ALA B 227 -24.93 6.41 20.85
N PHE B 228 -24.42 5.66 19.88
CA PHE B 228 -24.67 5.99 18.48
C PHE B 228 -26.11 5.75 18.10
N LEU B 229 -26.62 4.58 18.44
CA LEU B 229 -28.05 4.26 18.22
C LEU B 229 -29.05 5.21 18.85
N GLU B 230 -28.74 5.75 20.03
CA GLU B 230 -29.68 6.63 20.76
C GLU B 230 -29.60 8.09 20.33
N LEU B 231 -28.62 8.48 19.52
CA LEU B 231 -28.49 9.87 19.04
C LEU B 231 -29.70 10.34 18.18
N GLU B 232 -30.44 11.30 18.72
CA GLU B 232 -31.66 11.84 18.11
C GLU B 232 -31.53 13.34 17.71
N ASP B 233 -30.66 14.08 18.40
CA ASP B 233 -30.46 15.52 18.18
C ASP B 233 -30.10 15.83 16.71
N LYS B 234 -31.07 16.37 15.98
CA LYS B 234 -30.93 16.63 14.53
C LYS B 234 -29.80 17.59 14.17
N ALA B 235 -29.55 18.57 15.03
CA ALA B 235 -28.48 19.56 14.83
C ALA B 235 -27.06 18.94 14.86
N ILE B 236 -26.87 17.88 15.63
CA ILE B 236 -25.59 17.18 15.66
C ILE B 236 -25.35 16.42 14.34
N LEU B 237 -26.44 16.03 13.67
CA LEU B 237 -26.40 15.25 12.42
C LEU B 237 -26.41 16.07 11.13
N LYS B 238 -26.95 17.29 11.14
CA LYS B 238 -27.12 18.08 9.89
C LYS B 238 -25.84 18.50 9.15
N PRO B 239 -24.70 18.61 9.85
CA PRO B 239 -23.41 18.53 9.15
C PRO B 239 -23.25 17.31 8.21
N PHE B 240 -23.85 16.18 8.61
CA PHE B 240 -23.86 14.93 7.83
C PHE B 240 -25.16 14.68 7.02
N LYS B 241 -26.21 15.48 7.19
CA LYS B 241 -27.51 15.31 6.48
C LYS B 241 -28.19 13.95 6.74
N ALA B 242 -28.16 13.51 8.00
CA ALA B 242 -28.63 12.17 8.37
C ALA B 242 -29.72 12.24 9.42
N ASP B 243 -30.55 11.18 9.43
CA ASP B 243 -31.60 10.95 10.44
C ASP B 243 -30.95 10.49 11.74
N ALA B 244 -30.09 9.47 11.63
CA ALA B 244 -29.59 8.72 12.79
C ALA B 244 -28.44 7.79 12.36
N PHE B 245 -27.90 7.04 13.32
CA PHE B 245 -27.01 5.91 13.01
C PHE B 245 -27.78 4.60 13.03
N THR B 246 -27.45 3.69 12.12
CA THR B 246 -27.90 2.32 12.20
C THR B 246 -26.68 1.46 12.47
N LEU B 247 -26.91 0.20 12.82
CA LEU B 247 -25.82 -0.79 12.98
C LEU B 247 -25.34 -1.33 11.64
N VAL B 248 -24.06 -1.66 11.57
CA VAL B 248 -23.47 -2.38 10.44
C VAL B 248 -22.54 -3.45 10.99
N THR B 249 -22.24 -4.43 10.14
CA THR B 249 -21.22 -5.43 10.43
C THR B 249 -20.29 -5.59 9.24
N ASP B 250 -19.26 -6.40 9.44
CA ASP B 250 -18.23 -6.67 8.44
C ASP B 250 -18.77 -7.19 7.09
N GLN B 251 -19.84 -7.99 7.12
CA GLN B 251 -20.46 -8.57 5.93
C GLN B 251 -21.07 -7.53 4.97
N ASP B 252 -21.58 -6.42 5.51
CA ASP B 252 -22.07 -5.30 4.70
C ASP B 252 -21.04 -4.74 3.69
N TYR B 253 -19.75 -4.90 4.00
CA TYR B 253 -18.68 -4.39 3.14
C TYR B 253 -18.09 -5.41 2.17
N ASP B 254 -18.74 -6.57 2.02
CA ASP B 254 -18.31 -7.58 1.04
C ASP B 254 -18.37 -7.09 -0.42
N VAL B 255 -19.36 -6.26 -0.76
CA VAL B 255 -19.42 -5.65 -2.10
C VAL B 255 -18.19 -4.78 -2.44
N VAL B 256 -17.60 -4.13 -1.41
CA VAL B 256 -16.40 -3.31 -1.57
C VAL B 256 -15.14 -4.16 -1.76
N ARG B 257 -15.12 -5.36 -1.18
CA ARG B 257 -14.02 -6.32 -1.38
C ARG B 257 -14.01 -6.85 -2.82
N ASN B 258 -15.20 -7.14 -3.34
CA ASN B 258 -15.36 -7.63 -4.72
C ASN B 258 -14.96 -6.61 -5.75
N LEU B 259 -15.41 -5.36 -5.56
CA LEU B 259 -15.07 -4.28 -6.47
C LEU B 259 -13.56 -4.08 -6.57
N GLY B 260 -12.86 -4.18 -5.43
CA GLY B 260 -11.40 -4.20 -5.40
C GLY B 260 -10.75 -5.23 -6.31
N GLU B 261 -11.15 -6.50 -6.18
CA GLU B 261 -10.63 -7.58 -7.04
C GLU B 261 -11.12 -7.43 -8.49
#